data_9R00
#
_entry.id   9R00
#
_cell.length_a   40.397
_cell.length_b   61.043
_cell.length_c   96.117
_cell.angle_alpha   90.00
_cell.angle_beta   90.00
_cell.angle_gamma   90.00
#
_symmetry.space_group_name_H-M   'I 2 2 2'
#
loop_
_entity.id
_entity.type
_entity.pdbx_description
1 polymer NTF2_HH
2 non-polymer 'CADMIUM ION'
3 non-polymer 'CHLORIDE ION'
4 water water
#
_entity_poly.entity_id   1
_entity_poly.type   'polypeptide(L)'
_entity_poly.pdbx_seq_one_letter_code
;GHMPEEEKAARLFIEALEKGDPELMRKVISPDTEMLDNGRTFTGDEVVEYVKEIQKRGEQWHLRRYTKRGNVWLFEVQVD
NNGQTEQWYVIILVRNGRIKLVVILTNVDEEILKHMMELMQRNVPIEELREQLEKMLS
;
_entity_poly.pdbx_strand_id   A
#
loop_
_chem_comp.id
_chem_comp.type
_chem_comp.name
_chem_comp.formula
CD non-polymer 'CADMIUM ION' 'Cd 2'
CL non-polymer 'CHLORIDE ION' 'Cl -1'
#
# COMPACT_ATOMS: atom_id res chain seq x y z
N GLU A 6 -11.21 4.15 -10.63
CA GLU A 6 -10.25 4.60 -9.60
C GLU A 6 -10.45 3.76 -8.34
N GLU A 7 -11.70 3.66 -7.89
CA GLU A 7 -12.06 2.80 -6.78
C GLU A 7 -11.71 1.34 -7.06
N LYS A 8 -11.96 0.90 -8.29
CA LYS A 8 -11.71 -0.47 -8.71
C LYS A 8 -10.21 -0.77 -8.71
N ALA A 9 -9.41 0.15 -9.27
CA ALA A 9 -7.96 0.04 -9.24
C ALA A 9 -7.51 -0.23 -7.82
N ALA A 10 -7.94 0.65 -6.90
CA ALA A 10 -7.51 0.59 -5.51
C ALA A 10 -7.90 -0.71 -4.81
N ARG A 11 -9.14 -1.11 -5.05
CA ARG A 11 -9.72 -2.27 -4.39
C ARG A 11 -9.09 -3.56 -4.89
N LEU A 12 -8.91 -3.64 -6.22
CA LEU A 12 -8.27 -4.78 -6.86
C LEU A 12 -6.84 -4.97 -6.36
N PHE A 13 -6.15 -3.86 -6.08
CA PHE A 13 -4.82 -3.93 -5.54
C PHE A 13 -4.88 -4.71 -4.22
N ILE A 14 -5.86 -4.37 -3.36
CA ILE A 14 -5.97 -5.00 -2.05
C ILE A 14 -6.40 -6.45 -2.14
N GLU A 15 -7.31 -6.72 -3.08
CA GLU A 15 -7.81 -8.06 -3.29
C GLU A 15 -6.66 -8.94 -3.74
N ALA A 16 -5.74 -8.38 -4.55
CA ALA A 16 -4.54 -9.10 -4.94
C ALA A 16 -3.78 -9.52 -3.67
N LEU A 17 -3.54 -8.58 -2.76
CA LEU A 17 -2.95 -8.93 -1.47
C LEU A 17 -3.78 -9.99 -0.75
N GLU A 18 -5.09 -9.71 -0.57
CA GLU A 18 -6.04 -10.60 0.09
C GLU A 18 -5.94 -12.04 -0.42
N LYS A 19 -5.95 -12.17 -1.75
CA LYS A 19 -6.02 -13.46 -2.42
C LYS A 19 -4.66 -14.07 -2.72
N GLY A 20 -3.57 -13.29 -2.51
CA GLY A 20 -2.24 -13.73 -2.92
C GLY A 20 -2.14 -13.99 -4.43
N ASP A 21 -2.54 -12.99 -5.22
CA ASP A 21 -2.74 -13.12 -6.66
C ASP A 21 -1.85 -12.13 -7.41
N PRO A 22 -0.60 -12.50 -7.79
CA PRO A 22 0.27 -11.55 -8.48
C PRO A 22 -0.30 -11.17 -9.85
N GLU A 23 -0.99 -12.13 -10.45
CA GLU A 23 -1.59 -11.90 -11.74
C GLU A 23 -2.56 -10.73 -11.68
N LEU A 24 -3.38 -10.67 -10.61
CA LEU A 24 -4.30 -9.55 -10.44
C LEU A 24 -3.59 -8.22 -10.19
N MET A 25 -2.56 -8.26 -9.34
CA MET A 25 -1.77 -7.06 -9.08
C MET A 25 -1.21 -6.51 -10.39
N ARG A 26 -0.68 -7.42 -11.23
CA ARG A 26 -0.03 -7.04 -12.47
C ARG A 26 -0.97 -6.15 -13.28
N LYS A 27 -2.27 -6.43 -13.22
CA LYS A 27 -3.26 -5.70 -13.99
C LYS A 27 -3.43 -4.23 -13.62
N VAL A 28 -3.26 -3.87 -12.34
CA VAL A 28 -3.60 -2.53 -11.88
C VAL A 28 -2.39 -1.64 -11.57
N ILE A 29 -1.19 -2.23 -11.58
CA ILE A 29 0.03 -1.45 -11.38
C ILE A 29 0.58 -1.03 -12.73
N SER A 30 1.56 -0.13 -12.69
CA SER A 30 2.24 0.31 -13.90
C SER A 30 3.73 0.32 -13.59
N PRO A 31 4.61 0.47 -14.62
CA PRO A 31 6.06 0.48 -14.37
C PRO A 31 6.47 1.61 -13.44
N ASP A 32 5.67 2.68 -13.39
CA ASP A 32 5.90 3.80 -12.49
C ASP A 32 5.39 3.64 -11.06
N THR A 33 4.66 2.56 -10.75
CA THR A 33 4.12 2.39 -9.42
C THR A 33 5.28 2.32 -8.41
N GLU A 34 5.14 3.05 -7.30
CA GLU A 34 6.15 2.98 -6.25
C GLU A 34 5.51 2.59 -4.92
N MET A 35 6.18 1.69 -4.18
CA MET A 35 5.68 1.19 -2.92
C MET A 35 6.78 1.18 -1.85
N LEU A 36 6.39 1.63 -0.66
CA LEU A 36 7.20 1.58 0.54
C LEU A 36 6.51 0.63 1.52
N ASP A 37 7.19 -0.47 1.87
CA ASP A 37 6.72 -1.41 2.86
C ASP A 37 7.57 -1.24 4.13
N ASN A 38 6.95 -0.63 5.15
CA ASN A 38 7.60 -0.26 6.40
C ASN A 38 9.06 0.11 6.19
N GLY A 39 9.36 0.92 5.15
CA GLY A 39 10.70 1.43 4.95
C GLY A 39 11.43 1.05 3.66
N ARG A 40 11.24 -0.19 3.19
CA ARG A 40 11.85 -0.68 1.96
C ARG A 40 11.05 -0.32 0.70
N THR A 41 11.74 -0.10 -0.44
CA THR A 41 11.15 0.42 -1.66
C THR A 41 10.97 -0.59 -2.78
N PHE A 42 9.85 -0.49 -3.50
CA PHE A 42 9.49 -1.37 -4.60
C PHE A 42 8.98 -0.52 -5.76
N THR A 43 9.43 -0.83 -6.99
CA THR A 43 9.03 -0.09 -8.16
C THR A 43 8.48 -1.06 -9.19
N GLY A 44 7.34 -0.70 -9.79
CA GLY A 44 6.79 -1.46 -10.91
C GLY A 44 6.55 -2.92 -10.54
N ASP A 45 7.20 -3.83 -11.28
CA ASP A 45 6.88 -5.25 -11.23
C ASP A 45 7.36 -5.92 -9.94
N GLU A 46 8.17 -5.19 -9.17
CA GLU A 46 8.54 -5.65 -7.84
C GLU A 46 7.37 -5.73 -6.87
N VAL A 47 6.31 -4.94 -7.13
CA VAL A 47 5.10 -4.98 -6.33
C VAL A 47 4.40 -6.32 -6.49
N VAL A 48 4.49 -6.86 -7.72
CA VAL A 48 3.96 -8.17 -8.04
C VAL A 48 4.68 -9.27 -7.25
N GLU A 49 6.01 -9.14 -7.15
CA GLU A 49 6.84 -10.10 -6.43
C GLU A 49 6.53 -10.10 -4.93
N TYR A 50 6.11 -8.95 -4.44
CA TYR A 50 5.64 -8.81 -3.08
C TYR A 50 4.46 -9.75 -2.82
N VAL A 51 3.55 -9.83 -3.80
CA VAL A 51 2.38 -10.66 -3.68
C VAL A 51 2.75 -12.13 -3.75
N LYS A 52 3.76 -12.48 -4.56
CA LYS A 52 4.25 -13.84 -4.60
C LYS A 52 4.79 -14.27 -3.25
N GLU A 53 5.50 -13.36 -2.57
CA GLU A 53 5.98 -13.60 -1.22
C GLU A 53 4.89 -13.88 -0.17
N ILE A 54 3.74 -13.20 -0.30
CA ILE A 54 2.58 -13.45 0.54
C ILE A 54 2.02 -14.86 0.27
N GLN A 55 1.76 -15.18 -1.00
CA GLN A 55 1.23 -16.47 -1.40
C GLN A 55 2.19 -17.61 -1.05
N LYS A 56 3.46 -17.44 -1.41
CA LYS A 56 4.49 -18.40 -1.07
C LYS A 56 4.98 -18.28 0.37
N ARG A 57 4.09 -17.82 1.27
CA ARG A 57 4.35 -17.81 2.70
C ARG A 57 3.17 -18.42 3.46
N GLY A 58 1.94 -18.06 3.07
CA GLY A 58 0.76 -18.73 3.57
C GLY A 58 0.14 -18.11 4.83
N GLU A 59 0.50 -16.87 5.14
CA GLU A 59 -0.22 -16.07 6.13
C GLU A 59 -1.34 -15.32 5.42
N GLN A 60 -2.54 -15.32 6.02
CA GLN A 60 -3.73 -14.79 5.38
C GLN A 60 -3.90 -13.30 5.64
N TRP A 61 -4.01 -12.52 4.55
CA TRP A 61 -4.36 -11.11 4.61
C TRP A 61 -5.87 -10.95 4.49
N HIS A 62 -6.48 -10.25 5.44
CA HIS A 62 -7.91 -10.01 5.43
C HIS A 62 -8.19 -8.51 5.35
N LEU A 63 -8.73 -8.05 4.22
CA LEU A 63 -9.26 -6.70 4.15
C LEU A 63 -10.39 -6.60 5.15
N ARG A 64 -10.32 -5.63 6.06
CA ARG A 64 -11.37 -5.47 7.04
C ARG A 64 -12.28 -4.33 6.60
N ARG A 65 -11.70 -3.14 6.52
CA ARG A 65 -12.42 -1.95 6.15
C ARG A 65 -11.50 -0.90 5.52
N TYR A 66 -12.14 0.14 4.99
CA TYR A 66 -11.46 1.16 4.22
C TYR A 66 -12.12 2.53 4.29
N THR A 67 -11.33 3.53 3.90
CA THR A 67 -11.76 4.92 3.80
C THR A 67 -11.08 5.53 2.59
N LYS A 68 -11.80 6.42 1.90
CA LYS A 68 -11.27 7.28 0.86
C LYS A 68 -11.12 8.66 1.48
N ARG A 69 -9.97 9.29 1.29
CA ARG A 69 -9.79 10.71 1.61
C ARG A 69 -9.08 11.40 0.45
N GLY A 70 -9.80 12.29 -0.25
CA GLY A 70 -9.29 12.87 -1.48
C GLY A 70 -9.04 11.75 -2.50
N ASN A 71 -7.82 11.69 -3.04
CA ASN A 71 -7.42 10.59 -3.91
C ASN A 71 -6.69 9.47 -3.18
N VAL A 72 -6.70 9.50 -1.85
CA VAL A 72 -5.96 8.54 -1.08
C VAL A 72 -6.95 7.59 -0.42
N TRP A 73 -6.67 6.28 -0.58
CA TRP A 73 -7.41 5.23 0.08
C TRP A 73 -6.59 4.64 1.20
N LEU A 74 -7.28 4.32 2.30
CA LEU A 74 -6.66 3.72 3.45
C LEU A 74 -7.42 2.42 3.69
N PHE A 75 -6.70 1.31 3.55
CA PHE A 75 -7.22 -0.01 3.78
C PHE A 75 -6.64 -0.60 5.06
N GLU A 76 -7.53 -1.15 5.87
CA GLU A 76 -7.19 -1.70 7.17
C GLU A 76 -7.31 -3.20 6.97
N VAL A 77 -6.15 -3.85 7.04
CA VAL A 77 -6.02 -5.26 6.79
C VAL A 77 -5.61 -5.89 8.12
N GLN A 78 -6.22 -7.02 8.46
CA GLN A 78 -5.69 -7.87 9.51
C GLN A 78 -4.87 -8.96 8.83
N VAL A 79 -3.64 -9.14 9.33
CA VAL A 79 -2.78 -10.24 8.94
C VAL A 79 -2.70 -11.23 10.08
N ASP A 80 -2.82 -12.52 9.72
CA ASP A 80 -2.90 -13.60 10.67
C ASP A 80 -1.51 -14.12 11.08
N THR A 85 -2.95 -11.59 15.68
CA THR A 85 -3.26 -10.72 14.54
C THR A 85 -2.52 -9.39 14.61
N GLU A 86 -1.97 -8.94 13.47
CA GLU A 86 -1.34 -7.65 13.31
C GLU A 86 -2.26 -6.74 12.51
N GLN A 87 -2.26 -5.45 12.86
CA GLN A 87 -3.02 -4.47 12.10
C GLN A 87 -2.09 -3.91 11.03
N TRP A 88 -2.31 -4.33 9.77
CA TRP A 88 -1.57 -3.76 8.66
C TRP A 88 -2.45 -2.71 7.98
N TYR A 89 -1.81 -1.67 7.48
CA TYR A 89 -2.48 -0.57 6.84
C TYR A 89 -1.85 -0.37 5.47
N VAL A 90 -2.71 -0.25 4.46
CA VAL A 90 -2.29 -0.10 3.08
C VAL A 90 -2.92 1.19 2.59
N ILE A 91 -2.05 2.13 2.23
CA ILE A 91 -2.42 3.48 1.85
C ILE A 91 -2.09 3.63 0.36
N ILE A 92 -3.06 4.12 -0.41
CA ILE A 92 -2.91 4.13 -1.85
C ILE A 92 -3.33 5.46 -2.45
N LEU A 93 -2.41 6.04 -3.24
CA LEU A 93 -2.71 7.17 -4.11
C LEU A 93 -2.95 6.68 -5.53
N VAL A 94 -4.17 6.94 -6.02
CA VAL A 94 -4.53 6.61 -7.39
C VAL A 94 -4.56 7.90 -8.20
N ARG A 95 -4.16 7.79 -9.46
CA ARG A 95 -4.17 8.90 -10.40
C ARG A 95 -4.25 8.34 -11.81
N ASN A 96 -5.30 8.74 -12.56
CA ASN A 96 -5.53 8.31 -13.93
C ASN A 96 -5.62 6.79 -14.08
N GLY A 97 -6.59 6.20 -13.37
CA GLY A 97 -6.87 4.76 -13.43
C GLY A 97 -5.75 3.89 -12.85
N ARG A 98 -4.70 4.53 -12.33
CA ARG A 98 -3.45 3.85 -12.04
C ARG A 98 -2.99 4.15 -10.62
N ILE A 99 -2.53 3.10 -9.93
CA ILE A 99 -1.90 3.24 -8.63
C ILE A 99 -0.53 3.89 -8.82
N LYS A 100 -0.38 5.07 -8.23
CA LYS A 100 0.87 5.80 -8.26
C LYS A 100 1.77 5.49 -7.07
N LEU A 101 1.24 5.59 -5.84
CA LEU A 101 2.03 5.47 -4.62
C LEU A 101 1.31 4.52 -3.67
N VAL A 102 2.06 3.62 -3.04
CA VAL A 102 1.53 2.73 -2.01
C VAL A 102 2.44 2.79 -0.79
N VAL A 103 1.84 2.91 0.40
CA VAL A 103 2.60 2.74 1.63
C VAL A 103 1.96 1.64 2.49
N ILE A 104 2.78 0.69 2.94
CA ILE A 104 2.32 -0.40 3.78
C ILE A 104 2.97 -0.26 5.16
N LEU A 105 2.15 -0.28 6.21
CA LEU A 105 2.62 -0.11 7.57
C LEU A 105 1.95 -1.15 8.46
N THR A 106 2.64 -1.52 9.54
CA THR A 106 2.14 -2.48 10.49
C THR A 106 2.16 -1.91 11.91
N ASN A 107 1.06 -2.08 12.63
CA ASN A 107 0.97 -1.71 14.04
C ASN A 107 1.59 -0.34 14.33
N VAL A 108 1.19 0.66 13.55
CA VAL A 108 1.52 2.06 13.75
C VAL A 108 0.33 2.82 14.34
N ASP A 109 0.63 3.97 14.97
CA ASP A 109 -0.38 4.88 15.48
C ASP A 109 -1.19 5.58 14.39
N GLU A 110 -2.44 5.94 14.70
CA GLU A 110 -3.29 6.69 13.79
C GLU A 110 -2.67 7.98 13.29
N GLU A 111 -1.90 8.68 14.15
CA GLU A 111 -1.17 9.88 13.75
C GLU A 111 -0.21 9.62 12.58
N ILE A 112 0.53 8.50 12.62
CA ILE A 112 1.40 8.19 11.49
C ILE A 112 0.61 7.95 10.21
N LEU A 113 -0.53 7.26 10.33
CA LEU A 113 -1.37 7.03 9.16
C LEU A 113 -1.88 8.35 8.59
N LYS A 114 -2.34 9.26 9.46
CA LYS A 114 -2.85 10.54 9.00
C LYS A 114 -1.74 11.37 8.36
N HIS A 115 -0.54 11.36 8.97
CA HIS A 115 0.59 12.11 8.45
C HIS A 115 0.99 11.58 7.07
N MET A 116 1.04 10.25 6.91
CA MET A 116 1.42 9.66 5.64
C MET A 116 0.36 9.94 4.56
N MET A 117 -0.91 9.85 4.93
CA MET A 117 -2.00 10.19 4.01
C MET A 117 -1.93 11.64 3.50
N GLU A 118 -1.67 12.60 4.39
CA GLU A 118 -1.42 13.99 4.03
C GLU A 118 -0.28 14.21 3.03
N LEU A 119 0.87 13.59 3.29
CA LEU A 119 1.98 13.62 2.34
C LEU A 119 1.58 13.10 0.96
N MET A 120 0.84 11.98 0.94
CA MET A 120 0.47 11.31 -0.29
C MET A 120 -0.53 12.13 -1.11
N GLN A 121 -1.49 12.76 -0.40
CA GLN A 121 -2.41 13.71 -0.99
C GLN A 121 -1.70 14.84 -1.74
N ARG A 122 -0.54 15.25 -1.24
CA ARG A 122 0.23 16.31 -1.88
C ARG A 122 1.22 15.75 -2.91
N ASN A 123 1.14 14.45 -3.22
CA ASN A 123 1.96 13.86 -4.27
C ASN A 123 3.46 13.98 -3.98
N VAL A 124 3.83 13.80 -2.71
CA VAL A 124 5.21 13.92 -2.28
C VAL A 124 6.04 12.80 -2.90
N PRO A 125 7.31 13.04 -3.28
CA PRO A 125 8.11 11.97 -3.89
C PRO A 125 8.37 10.84 -2.89
N ILE A 126 8.61 9.64 -3.41
CA ILE A 126 8.88 8.47 -2.56
C ILE A 126 10.05 8.72 -1.61
N GLU A 127 11.06 9.51 -2.02
CA GLU A 127 12.20 9.79 -1.17
C GLU A 127 11.76 10.51 0.12
N GLU A 128 10.89 11.51 -0.04
CA GLU A 128 10.40 12.29 1.08
C GLU A 128 9.53 11.42 2.00
N LEU A 129 8.67 10.57 1.43
CA LEU A 129 7.84 9.64 2.17
C LEU A 129 8.67 8.72 3.07
N ARG A 130 9.72 8.14 2.48
CA ARG A 130 10.65 7.26 3.17
C ARG A 130 11.43 7.96 4.27
N GLU A 131 11.96 9.16 4.00
CA GLU A 131 12.69 9.92 5.01
C GLU A 131 11.74 10.29 6.16
N GLN A 132 10.51 10.66 5.83
CA GLN A 132 9.54 11.02 6.83
C GLN A 132 9.21 9.87 7.77
N LEU A 133 9.02 8.67 7.21
CA LEU A 133 8.82 7.45 7.99
C LEU A 133 10.00 7.13 8.89
N GLU A 134 11.21 7.15 8.31
CA GLU A 134 12.43 6.95 9.05
C GLU A 134 12.60 7.86 10.28
N LYS A 135 12.19 9.12 10.16
CA LYS A 135 12.30 10.09 11.24
C LYS A 135 11.29 9.79 12.33
N MET A 136 10.19 9.13 11.94
CA MET A 136 9.07 8.87 12.82
C MET A 136 9.24 7.52 13.52
N LEU A 137 9.86 6.57 12.81
CA LEU A 137 10.23 5.31 13.43
C LEU A 137 11.71 5.23 13.86
N SER A 138 12.35 6.37 14.17
CA SER A 138 13.61 6.45 14.93
C SER A 138 14.36 7.88 14.96
CD CD B . -12.00 -8.83 -0.11
CD CD C . -5.89 -14.30 -10.73
CD CD D . 12.64 15.72 4.20
CD CD E . 17.27 7.96 4.89
CD CD F . -0.44 17.20 9.70
CD CD G . 13.59 -2.24 -7.32
CD CD H . -1.62 -12.86 -17.94
CL CL I . 2.35 14.98 11.35
CL CL J . 13.25 -0.69 -6.10
CL CL K . 0.16 14.28 11.65
CL CL L . 4.59 19.07 0.76
#